data_5EMG
#
_entry.id   5EMG
#
_cell.length_a   28.771
_cell.length_b   42.896
_cell.length_c   64.253
_cell.angle_alpha   90.00
_cell.angle_beta   90.00
_cell.angle_gamma   90.00
#
_symmetry.space_group_name_H-M   'P 21 21 21'
#
loop_
_entity.id
_entity.type
_entity.pdbx_description
1 polymer GPN-CPN-TPN-GPN-CPN-TPN-GPN-CPN
2 non-polymer 'CHLORIDE ION'
3 non-polymer 'SODIUM ION'
4 water water
#
_entity_poly.entity_id   1
_entity_poly.type   'polypeptide(L)'
_entity_poly.pdbx_seq_one_letter_code
;(GPN)(CPN)(TPN)(GPN)(CPN)(TPN)(GPN)(CPN)
;
_entity_poly.pdbx_strand_id   A,B,C,D
#
loop_
_chem_comp.id
_chem_comp.type
_chem_comp.name
_chem_comp.formula
CL non-polymer 'CHLORIDE ION' 'Cl -1'
CPN peptide-like 2-AMINOETHYLGLYCINE-CARBONYLMETHYLENE-CYTOSINE 'C10 H16 N5 O4 1'
GPN peptide-like 2-AMINOETHYLGLYCINE-CARBONYLMETHYLENE-GUANINE 'C11 H16 N7 O4 1'
NA non-polymer 'SODIUM ION' 'Na 1'
TPN peptide-like 2-AMINOETHYLGLYCINE-CARBONYLMETHYLENE-THYMINE 'C11 H17 N4 O5 1'
#
# COMPACT_ATOMS: atom_id res chain seq x y z
C8' GPN A 1 5.26 -16.56 23.65
C8' GPN A 1 5.40 -16.21 23.48
C7' GPN A 1 3.96 -16.82 22.94
C7' GPN A 1 3.96 -16.33 22.89
O7' GPN A 1 3.66 -16.11 21.98
O7' GPN A 1 3.58 -15.50 22.04
C5' GPN A 1 2.02 -18.39 22.80
C5' GPN A 1 1.75 -17.56 22.75
C GPN A 1 2.37 -18.69 21.44
C GPN A 1 1.55 -17.84 21.29
O GPN A 1 3.43 -19.36 21.35
O GPN A 1 0.42 -17.77 20.78
N4' GPN A 1 3.25 -17.83 23.44
N4' GPN A 1 3.15 -17.38 23.23
C3' GPN A 1 3.68 -18.60 24.62
C3' GPN A 1 3.66 -18.51 24.00
C2' GPN A 1 3.73 -17.74 25.84
C2' GPN A 1 3.55 -18.34 25.50
N GPN A 1 2.35 -17.39 26.19
N GPN A 1 2.15 -18.13 25.88
N9 GPN A 1 5.85 -15.38 23.09
N9 GPN A 1 6.11 -15.05 22.91
C8 GPN A 1 5.96 -14.12 23.62
C8 GPN A 1 6.26 -13.78 23.43
N7 GPN A 1 6.55 -13.32 22.81
N7 GPN A 1 6.90 -12.99 22.60
C5 GPN A 1 6.82 -14.04 21.67
C5 GPN A 1 7.17 -13.73 21.46
C6 GPN A 1 7.45 -13.67 20.47
C6 GPN A 1 7.82 -13.40 20.22
O6 GPN A 1 7.91 -12.53 20.17
O6 GPN A 1 8.35 -12.34 19.88
N1 GPN A 1 7.54 -14.73 19.56
N1 GPN A 1 7.88 -14.47 19.34
C2 GPN A 1 7.06 -16.01 19.82
C2 GPN A 1 7.37 -15.68 19.65
N2 GPN A 1 7.18 -16.90 18.83
N2 GPN A 1 7.47 -16.58 18.63
N3 GPN A 1 6.46 -16.37 20.97
N3 GPN A 1 6.77 -16.01 20.78
C4 GPN A 1 6.38 -15.33 21.84
C4 GPN A 1 6.69 -14.98 21.66
C8' CPN A 2 3.87 -16.25 18.64
C8' CPN A 2 3.93 -15.98 18.67
C7' CPN A 2 2.52 -16.28 17.93
C7' CPN A 2 2.63 -16.18 17.86
O7' CPN A 2 2.03 -15.20 17.53
O7' CPN A 2 2.05 -15.24 17.34
C5' CPN A 2 0.61 -17.82 17.18
C5' CPN A 2 0.76 -17.63 16.93
C CPN A 2 0.93 -17.63 15.76
C CPN A 2 0.84 -17.57 15.43
O CPN A 2 -0.15 -17.51 15.15
O CPN A 2 -0.18 -17.59 14.69
N4' CPN A 2 1.93 -17.52 17.83
N4' CPN A 2 2.07 -17.44 17.68
C3' CPN A 2 2.48 -18.82 18.29
C3' CPN A 2 2.70 -18.70 18.12
C2' CPN A 2 1.50 -19.39 19.24
C2' CPN A 2 2.30 -19.25 19.49
N CPN A 2 1.52 -18.48 20.44
N CPN A 2 2.61 -18.27 20.61
N1 CPN A 2 4.34 -14.86 18.59
N1 CPN A 2 4.49 -14.62 18.38
C2 CPN A 2 4.92 -14.54 17.38
C2 CPN A 2 5.07 -14.34 17.17
N3 CPN A 2 5.35 -13.25 17.20
N3 CPN A 2 5.56 -13.10 16.92
C4 CPN A 2 5.18 -12.35 18.18
C4 CPN A 2 5.37 -12.15 17.84
C5 CPN A 2 4.58 -12.66 19.43
C5 CPN A 2 4.76 -12.38 19.10
C6 CPN A 2 4.16 -13.95 19.61
C6 CPN A 2 4.31 -13.64 19.32
O2 CPN A 2 5.03 -15.36 16.47
O2 CPN A 2 5.17 -15.23 16.36
N4 CPN A 2 5.62 -11.09 17.91
N4 CPN A 2 5.82 -10.94 17.52
C8' TPN A 3 3.09 -14.38 13.79
C8' TPN A 3 3.27 -14.53 13.50
C7' TPN A 3 1.77 -14.72 13.12
C7' TPN A 3 1.92 -14.88 12.89
O7' TPN A 3 0.90 -13.89 12.99
O7' TPN A 3 1.08 -13.98 12.74
C5' TPN A 3 0.45 -16.37 11.92
C5' TPN A 3 0.43 -16.59 11.72
C TPN A 3 0.37 -16.02 10.58
C TPN A 3 0.68 -16.16 10.34
O TPN A 3 1.52 -16.18 10.02
O TPN A 3 1.81 -16.32 9.79
N4' TPN A 3 1.63 -15.98 12.70
N4' TPN A 3 1.68 -16.17 12.49
C3' TPN A 3 2.64 -17.07 12.80
C3' TPN A 3 2.62 -17.36 12.55
C2' TPN A 3 2.22 -18.19 13.76
C2' TPN A 3 2.11 -18.34 13.56
N TPN A 3 2.12 -17.88 15.23
N TPN A 3 2.06 -17.75 14.92
N1 TPN A 3 3.08 -13.02 14.30
N1 TPN A 3 3.27 -13.17 14.03
C6 TPN A 3 2.52 -12.70 15.53
C6 TPN A 3 2.68 -12.89 15.24
C2 TPN A 3 3.59 -12.02 13.45
C2 TPN A 3 3.76 -12.12 13.25
O2 TPN A 3 4.05 -12.23 12.32
O2 TPN A 3 4.24 -12.32 12.14
N3 TPN A 3 3.53 -10.76 14.02
N3 TPN A 3 3.71 -10.88 13.82
C4 TPN A 3 3.01 -10.39 15.27
C4 TPN A 3 3.18 -10.55 15.06
O4 TPN A 3 3.04 -9.20 15.65
O4 TPN A 3 3.19 -9.37 15.45
C5 TPN A 3 2.44 -11.46 16.04
C5 TPN A 3 2.61 -11.65 15.77
C5M TPN A 3 1.87 -11.18 17.42
C5M TPN A 3 1.99 -11.40 17.11
C8' GPN A 4 0.59 -12.58 10.20
C8' GPN A 4 0.74 -12.72 9.60
C7' GPN A 4 -0.38 -12.33 9.03
C7' GPN A 4 -0.41 -12.59 8.54
O7' GPN A 4 -1.05 -11.27 9.08
O7' GPN A 4 -1.05 -11.51 8.51
C5' GPN A 4 -1.33 -13.21 6.79
C5' GPN A 4 -1.87 -13.58 6.70
C GPN A 4 -0.63 -12.44 5.73
C GPN A 4 -1.69 -12.61 5.55
O GPN A 4 0.62 -12.46 5.67
O GPN A 4 -2.65 -12.31 4.83
N4' GPN A 4 -0.48 -13.29 8.02
N4' GPN A 4 -0.67 -13.57 7.63
C3' GPN A 4 0.23 -14.62 7.96
C3' GPN A 4 0.23 -14.74 7.39
C2' GPN A 4 -0.67 -15.76 8.41
C2' GPN A 4 -0.34 -15.87 8.16
N GPN A 4 -0.75 -15.87 9.88
N GPN A 4 -0.38 -15.75 9.65
N9 GPN A 4 0.89 -11.35 10.91
N9 GPN A 4 0.89 -11.51 10.37
C8 GPN A 4 0.51 -11.03 12.20
C8 GPN A 4 0.33 -11.27 11.62
N7 GPN A 4 0.84 -9.80 12.49
N7 GPN A 4 0.61 -10.05 12.02
C5 GPN A 4 1.52 -9.29 11.37
C5 GPN A 4 1.38 -9.48 11.04
C6 GPN A 4 2.10 -8.02 11.07
C6 GPN A 4 1.88 -8.15 10.93
O6 GPN A 4 2.12 -7.05 11.85
O6 GPN A 4 1.77 -7.20 11.72
N1 GPN A 4 2.64 -7.93 9.81
N1 GPN A 4 2.52 -7.98 9.74
C2 GPN A 4 2.61 -8.92 8.88
C2 GPN A 4 2.66 -8.92 8.74
N2 GPN A 4 3.13 -8.63 7.70
N2 GPN A 4 3.31 -8.59 7.62
N3 GPN A 4 2.06 -10.13 9.12
N3 GPN A 4 2.19 -10.17 8.80
C4 GPN A 4 1.53 -10.23 10.36
C4 GPN A 4 1.56 -10.34 9.98
C8' CPN A 5 0.19 -9.01 5.79
C8' CPN A 5 0.11 -8.90 6.18
C7' CPN A 5 -0.88 -8.66 4.78
C7' CPN A 5 -0.69 -8.62 4.84
O7' CPN A 5 -1.72 -7.74 5.14
O7' CPN A 5 -1.40 -7.59 4.71
C5' CPN A 5 -1.50 -9.17 2.32
C5' CPN A 5 -1.31 -9.58 2.60
C CPN A 5 -0.91 -8.24 1.43
C CPN A 5 -1.10 -8.53 1.55
O CPN A 5 -1.56 -7.95 0.42
O CPN A 5 -1.85 -8.35 0.55
N4' CPN A 5 -0.75 -9.33 3.60
N4' CPN A 5 -0.47 -9.48 3.80
C3' CPN A 5 0.10 -10.53 3.33
C3' CPN A 5 0.58 -10.53 3.74
C2' CPN A 5 -0.72 -11.79 3.44
C2' CPN A 5 0.05 -11.94 3.92
N CPN A 5 -1.37 -11.91 4.77
N CPN A 5 -0.45 -12.18 5.34
N1 CPN A 5 0.05 -8.05 6.89
N1 CPN A 5 -0.08 -7.90 7.26
C2 CPN A 5 0.59 -6.75 6.72
C2 CPN A 5 0.42 -6.61 7.05
N3 CPN A 5 0.45 -5.88 7.73
N3 CPN A 5 0.25 -5.70 8.01
C4 CPN A 5 -0.20 -6.20 8.87
C4 CPN A 5 -0.36 -5.95 9.16
C5 CPN A 5 -0.81 -7.49 9.07
C5 CPN A 5 -0.91 -7.24 9.44
C6 CPN A 5 -0.63 -8.34 8.04
C6 CPN A 5 -0.75 -8.13 8.45
O2 CPN A 5 1.23 -6.48 5.67
O2 CPN A 5 1.02 -6.40 5.98
N4 CPN A 5 -0.33 -5.29 9.82
N4 CPN A 5 -0.51 -5.01 10.08
C8' TPN A 6 0.33 -4.68 2.66
C8' TPN A 6 0.16 -4.56 3.03
C7' TPN A 6 -0.57 -4.70 1.44
C7' TPN A 6 -0.83 -4.58 1.90
O7' TPN A 6 -1.63 -4.12 1.50
O7' TPN A 6 -1.94 -3.98 1.96
C5' TPN A 6 -0.80 -5.18 -0.97
C5' TPN A 6 -1.14 -5.04 -0.46
C TPN A 6 -0.79 -3.71 -1.35
C TPN A 6 -1.06 -3.62 -1.03
O TPN A 6 0.37 -3.21 -1.53
O TPN A 6 -0.07 -2.90 -0.66
N4' TPN A 6 -0.09 -5.29 0.31
N4' TPN A 6 -0.37 -5.20 0.78
C3' TPN A 6 1.23 -5.99 0.12
C3' TPN A 6 0.94 -5.85 0.57
C2' TPN A 6 1.08 -7.50 0.34
C2' TPN A 6 0.73 -7.35 0.50
N TPN A 6 0.38 -7.97 1.58
N TPN A 6 -0.02 -7.78 1.72
N1 TPN A 6 -0.31 -3.92 3.78
N1 TPN A 6 -0.29 -3.66 4.04
C6 TPN A 6 -1.18 -4.48 4.68
C6 TPN A 6 -1.12 -4.12 5.00
C2 TPN A 6 -0.14 -2.52 3.83
C2 TPN A 6 0.04 -2.31 3.83
O2 TPN A 6 0.56 -1.92 3.06
O2 TPN A 6 0.75 -1.93 2.82
N3 TPN A 6 -0.69 -1.84 4.85
N3 TPN A 6 -0.44 -1.58 4.85
C4 TPN A 6 -1.50 -2.36 5.84
C4 TPN A 6 -1.24 -1.99 5.95
O4 TPN A 6 -1.93 -1.58 6.72
O4 TPN A 6 -1.62 -1.29 6.80
C5 TPN A 6 -1.70 -3.77 5.69
C5 TPN A 6 -1.60 -3.38 6.00
C5M TPN A 6 -2.59 -4.46 6.65
C5M TPN A 6 -2.51 -3.96 7.08
C8' GPN A 7 -2.38 -0.86 1.01
C8' GPN A 7 -2.30 -1.01 0.78
C7' GPN A 7 -3.52 -0.49 0.07
C7' GPN A 7 -3.37 -0.53 -0.20
O7' GPN A 7 -4.63 -0.20 0.52
O7' GPN A 7 -4.48 -0.17 0.21
C5' GPN A 7 -4.30 -0.19 -2.30
C GPN A 7 -4.43 1.27 -2.62
O GPN A 7 -5.31 1.61 -3.43
N4' GPN A 7 -3.27 -0.51 -1.26
N4' GPN A 7 -3.13 -0.56 -1.49
C3' GPN A 7 -1.95 -0.71 -1.86
C3' GPN A 7 -1.79 -0.79 -2.14
C2' GPN A 7 -1.81 -1.99 -2.63
C2' GPN A 7 -1.72 -2.10 -2.91
N GPN A 7 -1.93 -3.17 -1.76
N GPN A 7 -1.86 -3.32 -2.05
N9 GPN A 7 -2.90 -0.79 2.37
N9 GPN A 7 -2.80 -0.83 2.14
C8 GPN A 7 -3.46 -1.83 3.08
C8 GPN A 7 -3.40 -1.78 2.93
N7 GPN A 7 -3.91 -1.49 4.25
N7 GPN A 7 -3.81 -1.32 4.09
C5 GPN A 7 -3.63 -0.13 4.31
C5 GPN A 7 -3.44 -0.01 4.05
C6 GPN A 7 -3.87 0.85 5.30
C6 GPN A 7 -3.62 0.98 5.03
O6 GPN A 7 -4.43 0.69 6.42
O6 GPN A 7 -4.15 0.83 6.13
N1 GPN A 7 -3.49 2.16 4.96
N1 GPN A 7 -3.19 2.23 4.60
C2 GPN A 7 -2.91 2.46 3.80
C2 GPN A 7 -2.58 2.43 3.38
N2 GPN A 7 -2.60 3.77 3.63
N2 GPN A 7 -2.22 3.69 3.12
N3 GPN A 7 -2.66 1.59 2.82
N3 GPN A 7 -2.36 1.52 2.45
C4 GPN A 7 -3.02 0.31 3.16
C4 GPN A 7 -2.83 0.32 2.85
C8' CPN A 8 -4.93 3.24 1.04
C7' CPN A 8 -5.93 3.74 -0.03
O7' CPN A 8 -7.14 3.64 0.19
C5' CPN A 8 -6.40 4.63 -2.18
C CPN A 8 -7.15 5.85 -1.95
O CPN A 8 -8.18 6.01 -2.67
OXT CPN A 8 -6.71 6.70 -1.11
N4' CPN A 8 -5.44 4.25 -1.15
C3' CPN A 8 -4.01 4.45 -1.42
C2' CPN A 8 -3.49 3.54 -2.50
N CPN A 8 -3.53 2.12 -2.13
N1 CPN A 8 -5.61 2.98 2.28
C2 CPN A 8 -5.89 3.99 3.14
N3 CPN A 8 -6.55 3.76 4.30
C4 CPN A 8 -6.95 2.49 4.60
C5 CPN A 8 -6.73 1.44 3.68
C6 CPN A 8 -6.06 1.70 2.54
O2 CPN A 8 -5.54 5.16 2.85
N4 CPN A 8 -7.60 2.25 5.75
C8' GPN B 1 -7.22 10.19 9.01
C8' GPN B 1 -7.24 10.27 8.94
C7' GPN B 1 -5.76 10.25 9.41
C7' GPN B 1 -5.79 10.31 9.47
O7' GPN B 1 -5.07 9.22 9.53
O7' GPN B 1 -5.17 9.25 9.66
C5' GPN B 1 -3.77 11.44 9.91
C5' GPN B 1 -3.75 11.72 10.06
C GPN B 1 -3.10 11.52 8.55
C GPN B 1 -2.60 11.62 8.97
O GPN B 1 -3.70 11.88 7.56
O GPN B 1 -1.45 11.74 9.36
N4' GPN B 1 -5.20 11.44 9.55
N4' GPN B 1 -5.20 11.51 9.71
C3' GPN B 1 -5.92 12.71 9.35
C3' GPN B 1 -6.02 12.74 9.72
C2' GPN B 1 -6.78 13.17 10.50
C2' GPN B 1 -6.22 13.24 11.14
N GPN B 1 -6.02 13.27 11.73
N GPN B 1 -6.96 12.28 11.95
N9 GPN B 1 -7.54 8.78 8.83
N9 GPN B 1 -7.66 8.87 8.87
C8 GPN B 1 -8.22 8.02 9.71
C8 GPN B 1 -8.38 8.18 9.82
N7 GPN B 1 -8.36 6.79 9.34
N7 GPN B 1 -8.56 6.95 9.50
C5 GPN B 1 -7.73 6.73 8.12
C5 GPN B 1 -7.96 6.80 8.26
C6 GPN B 1 -7.55 5.63 7.27
C6 GPN B 1 -7.83 5.66 7.44
O6 GPN B 1 -7.99 4.47 7.44
O6 GPN B 1 -8.27 4.52 7.65
N1 GPN B 1 -6.84 5.96 6.10
N1 GPN B 1 -7.13 5.92 6.26
C2 GPN B 1 -6.35 7.21 5.85
C2 GPN B 1 -6.60 7.13 5.94
N2 GPN B 1 -5.68 7.40 4.70
N2 GPN B 1 -5.93 7.24 4.79
N3 GPN B 1 -6.51 8.26 6.64
N3 GPN B 1 -6.72 8.21 6.72
C4 GPN B 1 -7.19 7.95 7.76
C4 GPN B 1 -7.39 7.97 7.85
C8' CPN B 2 -3.20 7.78 7.36
C8' CPN B 2 -2.72 7.90 6.45
C7' CPN B 2 -1.67 7.80 7.48
C7' CPN B 2 -1.23 7.99 6.66
O7' CPN B 2 -1.09 6.89 8.04
O7' CPN B 2 -0.68 7.09 7.27
C5' CPN B 2 0.49 8.85 7.30
C5' CPN B 2 0.88 9.12 6.50
C CPN B 2 1.38 8.27 6.22
C CPN B 2 1.84 8.40 5.56
O CPN B 2 2.60 8.21 6.37
O CPN B 2 3.05 8.25 5.82
N4' CPN B 2 -0.95 8.85 7.06
N4' CPN B 2 -0.59 9.06 6.25
C3' CPN B 2 -1.52 10.06 6.45
C3' CPN B 2 -1.36 10.18 5.68
C2' CPN B 2 -1.06 11.27 7.24
C2' CPN B 2 -1.82 11.37 6.62
N CPN B 2 -1.80 11.22 8.51
N CPN B 2 -2.91 11.40 7.70
N1 CPN B 2 -3.74 6.46 7.61
N1 CPN B 2 -3.26 6.62 6.83
C2 CPN B 2 -3.50 5.46 6.68
C2 CPN B 2 -3.06 5.53 5.97
N3 CPN B 2 -3.99 4.26 6.93
N3 CPN B 2 -3.57 4.32 6.34
C4 CPN B 2 -4.64 4.02 8.03
C4 CPN B 2 -4.23 4.24 7.50
C5 CPN B 2 -4.94 5.04 9.02
C5 CPN B 2 -4.40 5.34 8.42
C6 CPN B 2 -4.41 6.27 8.78
C6 CPN B 2 -3.92 6.53 8.03
O2 CPN B 2 -2.81 5.70 5.66
O2 CPN B 2 -2.42 5.66 4.90
N4 CPN B 2 -5.02 2.74 8.09
N4 CPN B 2 -4.70 3.06 7.87
C8' TPN B 3 0.17 4.14 5.47
C8' TPN B 3 0.53 4.10 4.94
C7' TPN B 3 1.64 4.42 5.68
C7' TPN B 3 1.98 4.36 5.15
O7' TPN B 3 2.27 3.81 6.56
O7' TPN B 3 2.53 3.72 6.05
C5' TPN B 3 3.69 5.47 5.09
C5' TPN B 3 4.06 5.32 4.65
C TPN B 3 4.50 4.35 4.38
C TPN B 3 4.83 4.25 3.96
O TPN B 3 4.09 3.78 3.36
O TPN B 3 4.49 3.89 2.86
N4' TPN B 3 2.25 5.29 4.91
N4' TPN B 3 2.62 5.21 4.38
C3' TPN B 3 1.57 5.93 3.77
C3' TPN B 3 2.01 5.91 3.27
C2' TPN B 3 1.43 7.43 3.89
C2' TPN B 3 2.12 7.35 3.44
N TPN B 3 0.77 7.90 5.10
N TPN B 3 1.30 7.92 4.44
N1 TPN B 3 -0.45 3.27 6.51
N1 TPN B 3 -0.05 3.30 5.99
C6 TPN B 3 -0.73 3.81 7.71
C6 TPN B 3 -0.35 3.94 7.23
C2 TPN B 3 -0.52 1.91 6.28
C2 TPN B 3 -0.22 1.95 5.80
O2 TPN B 3 -0.11 1.38 5.23
O2 TPN B 3 0.08 1.41 4.77
N3 TPN B 3 -1.09 1.17 7.29
N3 TPN B 3 -0.83 1.30 6.86
C4 TPN B 3 -1.47 1.75 8.48
C4 TPN B 3 -1.21 1.95 8.07
O4 TPN B 3 -1.99 0.99 9.29
O4 TPN B 3 -1.75 1.29 8.99
C5 TPN B 3 -1.26 3.12 8.75
C5 TPN B 3 -0.90 3.34 8.28
C5M TPN B 3 -1.70 3.74 10.06
C5M TPN B 3 -1.23 4.02 9.59
C8' GPN B 4 4.02 1.00 5.93
C7' GPN B 4 5.42 0.57 6.38
C7' GPN B 4 5.45 0.58 6.35
O7' GPN B 4 5.58 -0.05 7.43
O7' GPN B 4 5.68 0.02 7.43
C5' GPN B 4 7.81 0.62 6.07
C5' GPN B 4 7.81 0.63 5.94
C GPN B 4 8.39 -0.68 5.51
O GPN B 4 9.60 -0.92 5.80
N4' GPN B 4 6.46 0.93 5.61
N4' GPN B 4 6.44 0.89 5.50
C3' GPN B 4 6.31 1.58 4.28
C3' GPN B 4 6.29 1.47 4.14
C2' GPN B 4 6.53 3.07 4.33
C2' GPN B 4 6.85 2.86 3.94
N GPN B 4 5.59 3.96 5.02
N GPN B 4 5.93 3.81 4.58
N9 GPN B 4 3.07 0.49 6.87
C8 GPN B 4 2.55 1.07 8.01
N7 GPN B 4 1.73 0.28 8.68
C5 GPN B 4 1.73 -0.92 7.96
C6 GPN B 4 1.13 -2.16 8.24
O6 GPN B 4 0.41 -2.45 9.22
N1 GPN B 4 1.46 -3.12 7.31
C2 GPN B 4 2.25 -2.93 6.22
N2 GPN B 4 2.49 -3.99 5.42
N3 GPN B 4 2.87 -1.78 5.93
C4 GPN B 4 2.56 -0.83 6.84
C8' CPN B 5 5.68 -3.84 6.55
C7' CPN B 5 7.04 -4.51 6.73
O7' CPN B 5 7.39 -5.01 7.81
C5' CPN B 5 9.23 -5.09 5.75
C CPN B 5 9.40 -6.47 5.19
O CPN B 5 10.57 -6.94 5.17
N4' CPN B 5 7.87 -4.52 5.66
C3' CPN B 5 7.56 -3.95 4.30
C2' CPN B 5 8.21 -2.62 4.01
N CPN B 5 7.65 -1.50 4.77
N1 CPN B 5 4.90 -3.95 7.79
C2 CPN B 5 4.37 -5.21 8.07
N3 CPN B 5 3.67 -5.31 9.21
C4 CPN B 5 3.43 -4.25 10.00
C5 CPN B 5 3.93 -2.95 9.71
C6 CPN B 5 4.67 -2.86 8.59
O2 CPN B 5 4.56 -6.14 7.33
N4 CPN B 5 2.73 -4.42 11.13
C8' TPN B 6 6.68 -9.00 7.39
C7' TPN B 6 8.09 -9.53 7.28
O7' TPN B 6 8.75 -9.81 8.26
C5' TPN B 6 9.89 -10.33 5.95
C TPN B 6 9.78 -11.84 6.23
O TPN B 6 8.76 -12.49 5.92
N4' TPN B 6 8.54 -9.74 6.04
C3' TPN B 6 7.81 -9.50 4.74
C2' TPN B 6 8.41 -8.34 3.96
N TPN B 6 8.33 -7.10 4.72
N1 TPN B 6 6.24 -8.92 8.79
C6 TPN B 6 6.34 -7.75 9.50
C2 TPN B 6 5.74 -10.07 9.37
O2 TPN B 6 5.67 -11.14 8.78
N3 TPN B 6 5.33 -9.92 10.67
C4 TPN B 6 5.36 -8.78 11.41
O4 TPN B 6 4.91 -8.76 12.56
C5 TPN B 6 5.95 -7.61 10.76
C5M TPN B 6 5.99 -6.33 11.53
C8' GPN B 7 8.88 -12.54 9.88
C7' GPN B 7 10.22 -13.19 10.28
C7' GPN B 7 10.10 -13.40 10.15
O7' GPN B 7 10.67 -13.01 11.43
O7' GPN B 7 10.62 -13.29 11.25
C5' GPN B 7 12.06 -14.69 9.92
C5' GPN B 7 11.51 -15.23 9.58
C GPN B 7 11.83 -16.17 10.41
C GPN B 7 10.98 -16.49 10.21
O GPN B 7 12.82 -16.92 10.59
O GPN B 7 9.79 -16.75 10.22
N4' GPN B 7 10.83 -13.99 9.41
N4' GPN B 7 10.47 -14.28 9.21
C3' GPN B 7 10.35 -14.41 8.08
C3' GPN B 7 9.93 -14.43 7.86
C2' GPN B 7 11.09 -13.79 6.92
C2' GPN B 7 10.87 -13.93 6.79
N GPN B 7 10.85 -12.34 6.84
N GPN B 7 10.89 -12.47 6.63
N9 GPN B 7 8.42 -11.76 11.02
C8 GPN B 7 8.65 -10.39 11.23
N7 GPN B 7 8.22 -9.97 12.37
C5 GPN B 7 7.67 -11.11 12.99
C6 GPN B 7 7.05 -11.28 14.21
O6 GPN B 7 6.86 -10.42 15.12
N1 GPN B 7 6.69 -12.60 14.48
C2 GPN B 7 6.88 -13.62 13.56
N2 GPN B 7 6.48 -14.83 13.99
N3 GPN B 7 7.45 -13.49 12.38
C4 GPN B 7 7.81 -12.20 12.14
C8' CPN B 8 9.60 -15.88 13.93
C8' CPN B 8 10.18 -15.60 13.73
C7' CPN B 8 10.76 -16.80 14.09
C7' CPN B 8 11.36 -16.45 14.16
O7' CPN B 8 11.64 -16.50 14.86
O7' CPN B 8 12.10 -15.96 15.02
C5' CPN B 8 11.90 -18.78 13.33
C5' CPN B 8 12.67 -18.50 14.00
C CPN B 8 11.94 -19.78 14.49
C CPN B 8 12.42 -19.47 15.14
O CPN B 8 10.95 -19.97 15.26
O CPN B 8 11.30 -19.66 15.65
OXT CPN B 8 13.01 -20.42 14.61
OXT CPN B 8 13.43 -20.11 15.50
N4' CPN B 8 10.72 -17.92 13.34
N4' CPN B 8 11.52 -17.68 13.63
C3' CPN B 8 9.65 -18.29 12.41
C3' CPN B 8 10.62 -18.34 12.64
C2' CPN B 8 10.21 -18.08 10.99
C2' CPN B 8 11.35 -18.60 11.35
N CPN B 8 10.60 -16.65 10.63
N CPN B 8 11.84 -17.36 10.73
N1 CPN B 8 9.58 -14.83 14.89
N1 CPN B 8 9.96 -14.51 14.68
C2 CPN B 8 9.00 -15.09 16.12
C2 CPN B 8 9.35 -14.79 15.88
N3 CPN B 8 8.90 -14.09 17.01
N3 CPN B 8 9.16 -13.79 16.76
C4 CPN B 8 9.33 -12.86 16.71
C4 CPN B 8 9.50 -12.53 16.45
C5 CPN B 8 9.95 -12.58 15.47
C5 CPN B 8 10.10 -12.22 15.20
C6 CPN B 8 10.03 -13.58 14.59
C6 CPN B 8 10.33 -13.23 14.36
O2 CPN B 8 8.60 -16.24 16.39
O2 CPN B 8 9.07 -15.99 16.12
N4 CPN B 8 9.22 -11.87 17.59
N4 CPN B 8 9.22 -11.63 17.40
C8' GPN C 1 -5.73 17.43 -25.39
C8' GPN C 1 -5.46 17.45 -25.35
C7' GPN C 1 -4.35 17.56 -24.77
C7' GPN C 1 -4.13 17.76 -24.68
O7' GPN C 1 -3.87 16.76 -23.92
O7' GPN C 1 -3.74 17.14 -23.65
C5' GPN C 1 -2.39 18.97 -24.46
C5' GPN C 1 -1.95 18.52 -24.59
C GPN C 1 -2.64 19.78 -23.21
C GPN C 1 -1.58 19.10 -23.23
O GPN C 1 -3.58 20.56 -23.16
O GPN C 1 -0.45 18.98 -22.79
N4' GPN C 1 -3.63 18.63 -25.17
N4' GPN C 1 -3.29 18.66 -25.19
C3' GPN C 1 -4.11 19.44 -26.32
C3' GPN C 1 -3.51 19.61 -26.34
C2' GPN C 1 -3.10 20.34 -26.99
C2' GPN C 1 -4.46 20.82 -26.30
N GPN C 1 -3.72 21.60 -27.34
N GPN C 1 -3.86 22.02 -25.72
N9 GPN C 1 -6.34 16.28 -24.78
N9 GPN C 1 -6.13 16.34 -24.68
C8 GPN C 1 -6.46 15.02 -25.33
C8 GPN C 1 -6.26 15.06 -25.18
N7 GPN C 1 -7.00 14.18 -24.52
N7 GPN C 1 -6.88 14.26 -24.36
C5 GPN C 1 -7.25 14.99 -23.37
C5 GPN C 1 -7.19 15.05 -23.25
C6 GPN C 1 -7.81 14.67 -22.15
C6 GPN C 1 -7.86 14.64 -22.08
O6 GPN C 1 -8.24 13.57 -21.81
O6 GPN C 1 -8.31 13.52 -21.81
N1 GPN C 1 -7.84 15.74 -21.24
N1 GPN C 1 -7.96 15.69 -21.18
C2 GPN C 1 -7.41 16.99 -21.52
C2 GPN C 1 -7.48 16.94 -21.42
N2 GPN C 1 -7.49 17.92 -20.52
N2 GPN C 1 -7.68 17.84 -20.43
N3 GPN C 1 -6.87 17.33 -22.65
N3 GPN C 1 -6.88 17.35 -22.53
C4 GPN C 1 -6.85 16.29 -23.51
C4 GPN C 1 -6.74 16.34 -23.41
C8' CPN C 2 -4.08 17.18 -20.48
C7' CPN C 2 -2.77 17.32 -19.68
O7' CPN C 2 -2.22 16.31 -19.23
C5' CPN C 2 -0.95 18.53 -18.80
C CPN C 2 -1.05 18.77 -17.30
O CPN C 2 0.02 18.69 -16.65
N4' CPN C 2 -2.21 18.52 -19.52
C3' CPN C 2 -2.74 19.82 -19.96
C3' CPN C 2 -2.87 19.76 -20.02
C2' CPN C 2 -1.82 20.48 -20.98
C2' CPN C 2 -2.28 20.41 -21.27
N CPN C 2 -1.72 19.70 -22.26
N CPN C 2 -2.53 19.74 -22.58
N1 CPN C 2 -4.62 15.84 -20.30
C2 CPN C 2 -5.21 15.51 -19.08
N3 CPN C 2 -5.64 14.25 -18.87
C4 CPN C 2 -5.48 13.33 -19.83
C5 CPN C 2 -4.84 13.62 -21.07
C6 CPN C 2 -4.43 14.91 -21.24
O2 CPN C 2 -5.30 16.39 -18.20
N4 CPN C 2 -5.86 12.07 -19.57
C8' TPN C 3 -3.38 15.55 -15.46
C7' TPN C 3 -2.05 15.90 -14.81
O7' TPN C 3 -1.17 15.02 -14.62
C5' TPN C 3 -0.62 17.41 -13.71
C TPN C 3 -0.78 17.27 -12.19
O TPN C 3 -1.88 17.39 -11.63
N4' TPN C 3 -1.86 17.14 -14.41
C3' TPN C 3 -2.87 18.20 -14.48
C2' TPN C 3 -2.39 19.38 -15.35
N TPN C 3 -2.21 19.07 -16.75
N1 TPN C 3 -3.36 14.16 -15.95
C6 TPN C 3 -2.78 13.90 -17.16
C2 TPN C 3 -3.87 13.13 -15.15
O2 TPN C 3 -4.33 13.36 -14.06
N3 TPN C 3 -3.80 11.90 -15.74
C4 TPN C 3 -3.24 11.59 -16.94
O4 TPN C 3 -3.29 10.42 -17.32
C5 TPN C 3 -2.71 12.70 -17.71
C5M TPN C 3 -2.09 12.43 -19.05
C8' GPN C 4 -0.89 13.71 -11.62
C7' GPN C 4 0.21 13.48 -10.62
C7' GPN C 4 0.19 13.51 -10.52
O7' GPN C 4 0.96 12.48 -10.77
O7' GPN C 4 0.70 12.42 -10.34
C5' GPN C 4 1.10 14.15 -8.51
C5' GPN C 4 1.81 14.14 -8.87
C GPN C 4 0.33 13.71 -7.33
C GPN C 4 1.55 13.67 -7.44
O GPN C 4 -0.91 13.72 -7.33
O GPN C 4 2.51 13.63 -6.69
N4' GPN C 4 0.21 14.40 -9.64
N4' GPN C 4 0.57 14.46 -9.69
C3' GPN C 4 -0.59 15.64 -9.50
C3' GPN C 4 -0.21 15.70 -9.47
C2' GPN C 4 0.10 16.94 -10.00
C2' GPN C 4 0.40 17.00 -10.02
N GPN C 4 0.32 17.04 -11.48
N9 GPN C 4 -1.08 12.52 -12.41
C8 GPN C 4 -0.60 12.21 -13.66
N7 GPN C 4 -0.92 11.01 -14.06
C5 GPN C 4 -1.61 10.47 -12.99
C6 GPN C 4 -2.14 9.17 -12.79
O6 GPN C 4 -2.13 8.21 -13.58
N1 GPN C 4 -2.74 9.03 -11.56
C2 GPN C 4 -2.82 10.02 -10.61
N2 GPN C 4 -3.44 9.72 -9.46
N3 GPN C 4 -2.33 11.26 -10.78
C4 GPN C 4 -1.74 11.39 -11.97
C8' CPN C 5 -0.44 10.11 -7.46
C8' CPN C 5 -0.23 9.98 -8.09
C7' CPN C 5 0.42 9.78 -6.26
C7' CPN C 5 0.71 9.67 -6.91
O7' CPN C 5 1.17 8.81 -6.28
O7' CPN C 5 1.50 8.71 -6.96
C5' CPN C 5 1.31 10.22 -4.14
C5' CPN C 5 1.58 10.12 -4.75
C CPN C 5 0.65 9.56 -2.95
C CPN C 5 1.00 9.47 -3.50
O CPN C 5 1.34 9.44 -1.94
O CPN C 5 1.71 9.28 -2.50
N4' CPN C 5 0.34 10.53 -5.19
N4' CPN C 5 0.62 10.40 -5.82
C3' CPN C 5 -0.52 11.68 -5.02
C3' CPN C 5 -0.43 11.45 -5.69
C2' CPN C 5 0.30 12.97 -5.08
C2' CPN C 5 -0.02 12.91 -5.73
N CPN C 5 1.06 13.26 -6.31
N CPN C 5 0.31 13.38 -7.09
N1 CPN C 5 -0.27 9.19 -8.57
N1 CPN C 5 -0.09 8.97 -9.15
C2 CPN C 5 -0.81 7.89 -8.42
C2 CPN C 5 -0.60 7.68 -8.93
N3 CPN C 5 -0.72 6.99 -9.39
N3 CPN C 5 -0.44 6.74 -9.89
C4 CPN C 5 -0.04 7.29 -10.50
C4 CPN C 5 0.22 7.04 -11.01
C5 CPN C 5 0.53 8.60 -10.69
C5 CPN C 5 0.78 8.33 -11.27
C6 CPN C 5 0.44 9.48 -9.68
C6 CPN C 5 0.66 9.22 -10.28
O2 CPN C 5 -1.47 7.64 -7.40
O2 CPN C 5 -1.21 7.48 -7.90
N4 CPN C 5 0.04 6.34 -11.47
N4 CPN C 5 0.33 6.07 -11.91
C8' TPN C 6 -0.59 5.69 -4.38
C8' TPN C 6 -0.25 5.68 -4.96
C7' TPN C 6 0.30 5.68 -3.16
C7' TPN C 6 0.67 5.69 -3.77
O7' TPN C 6 1.38 5.09 -3.21
O7' TPN C 6 1.78 5.16 -3.76
C5' TPN C 6 0.71 6.23 -0.92
C5' TPN C 6 1.09 6.11 -1.49
C TPN C 6 0.57 4.82 -0.39
C TPN C 6 0.92 4.71 -0.92
O TPN C 6 -0.32 4.15 -0.85
O TPN C 6 0.06 3.94 -1.36
N4' TPN C 6 -0.14 6.32 -2.06
N4' TPN C 6 0.24 6.28 -2.68
C3' TPN C 6 -1.44 7.00 -2.04
C3' TPN C 6 -1.04 6.91 -2.53
C2' TPN C 6 -1.28 8.53 -1.89
C2' TPN C 6 -0.93 8.41 -2.39
N TPN C 6 -0.61 9.15 -3.03
N TPN C 6 -0.26 9.03 -3.54
N1 TPN C 6 -0.03 4.89 -5.43
N1 TPN C 6 0.26 4.78 -5.96
C6 TPN C 6 0.79 5.42 -6.40
C6 TPN C 6 1.09 5.30 -6.89
C2 TPN C 6 -0.34 3.55 -5.35
C2 TPN C 6 0.00 3.41 -5.89
O2 TPN C 6 -1.03 3.01 -4.42
O2 TPN C 6 -0.71 2.94 -4.98
N3 TPN C 6 0.22 2.87 -6.41
N3 TPN C 6 0.55 2.73 -6.91
C4 TPN C 6 0.99 3.36 -7.41
C4 TPN C 6 1.38 3.20 -7.95
O4 TPN C 6 1.34 2.53 -8.32
O4 TPN C 6 1.76 2.39 -8.84
C5 TPN C 6 1.31 4.72 -7.40
C5 TPN C 6 1.64 4.59 -7.91
C5M TPN C 6 2.16 5.30 -8.50
C5M TPN C 6 2.53 5.21 -8.95
C8' GPN C 7 2.14 2.03 -2.67
C7' GPN C 7 3.27 1.63 -1.68
O7' GPN C 7 4.39 1.29 -2.17
C5' GPN C 7 4.16 1.29 0.45
C5' GPN C 7 4.04 1.32 0.61
C GPN C 7 4.30 -0.18 0.74
C GPN C 7 4.13 -0.16 0.99
O GPN C 7 5.18 -0.56 1.49
O GPN C 7 5.10 -0.49 1.71
N4' GPN C 7 3.02 1.63 -0.40
C3' GPN C 7 1.68 1.89 0.24
C3' GPN C 7 1.69 1.83 0.07
C2' GPN C 7 1.48 3.11 1.15
C2' GPN C 7 1.61 3.15 0.80
N GPN C 7 1.55 4.38 0.40
N GPN C 7 1.86 4.34 -0.05
N9 GPN C 7 2.62 1.94 -4.04
C8 GPN C 7 3.26 2.93 -4.77
N7 GPN C 7 3.68 2.50 -5.93
C5 GPN C 7 3.35 1.15 -5.97
C6 GPN C 7 3.60 0.22 -6.97
O6 GPN C 7 4.14 0.30 -8.10
N1 GPN C 7 3.15 -1.04 -6.58
C2 GPN C 7 2.56 -1.33 -5.39
N2 GPN C 7 2.23 -2.64 -5.19
N3 GPN C 7 2.31 -0.44 -4.46
C4 GPN C 7 2.72 0.81 -4.81
C8' CPN C 8 4.75 -2.20 -2.85
C7' CPN C 8 5.73 -2.67 -1.79
O7' CPN C 8 6.95 -2.54 -1.96
C5' CPN C 8 6.23 -3.48 0.43
C CPN C 8 6.90 -4.83 0.21
O CPN C 8 6.49 -5.66 -0.70
OXT CPN C 8 7.86 -5.11 0.94
N4' CPN C 8 5.25 -3.14 -0.63
C3' CPN C 8 3.83 -3.39 -0.31
C2' CPN C 8 3.26 -2.44 0.73
N CPN C 8 3.35 -1.03 0.34
N1 CPN C 8 5.46 -1.90 -4.11
C2 CPN C 8 5.73 -2.93 -4.97
N3 CPN C 8 6.39 -2.63 -6.11
C4 CPN C 8 6.79 -1.38 -6.36
C5 CPN C 8 6.54 -0.32 -5.48
C6 CPN C 8 5.89 -0.64 -4.36
O2 CPN C 8 5.39 -4.09 -4.69
N4 CPN C 8 7.45 -1.21 -7.50
C8' GPN D 1 7.02 -9.03 -10.87
C8' GPN D 1 6.87 -9.29 -10.28
C7' GPN D 1 5.52 -9.11 -11.17
C7' GPN D 1 5.42 -9.37 -10.69
O7' GPN D 1 4.83 -8.08 -11.15
O7' GPN D 1 4.64 -8.44 -10.73
C5' GPN D 1 3.63 -10.32 -12.01
C5' GPN D 1 3.58 -10.59 -11.30
C GPN D 1 2.48 -10.35 -11.01
C GPN D 1 2.85 -10.53 -9.99
O GPN D 1 1.36 -10.46 -11.48
O GPN D 1 3.38 -10.83 -8.90
N4' GPN D 1 4.96 -10.29 -11.40
N4' GPN D 1 4.99 -10.54 -11.01
C3' GPN D 1 5.53 -11.60 -11.04
C3' GPN D 1 5.80 -11.76 -11.07
C2' GPN D 1 6.58 -12.10 -12.01
C2' GPN D 1 6.48 -12.14 -9.77
N GPN D 1 5.98 -12.35 -13.32
N GPN D 1 5.58 -12.63 -8.74
N9 GPN D 1 7.43 -7.62 -10.75
N9 GPN D 1 7.32 -7.93 -10.37
C8 GPN D 1 8.19 -6.88 -11.63
C8 GPN D 1 8.00 -7.27 -11.36
N7 GPN D 1 8.38 -5.63 -11.25
N7 GPN D 1 8.19 -5.99 -11.10
C5 GPN D 1 7.70 -5.54 -10.04
C5 GPN D 1 7.52 -5.86 -9.87
C6 GPN D 1 7.52 -4.43 -9.13
C6 GPN D 1 7.38 -4.72 -9.07
O6 GPN D 1 7.97 -3.29 -9.24
O6 GPN D 1 7.75 -3.55 -9.29
N1 GPN D 1 6.77 -4.73 -8.01
N1 GPN D 1 6.69 -4.99 -7.91
C2 GPN D 1 6.24 -5.96 -7.77
C2 GPN D 1 6.15 -6.24 -7.51
N2 GPN D 1 5.52 -6.12 -6.66
N2 GPN D 1 5.51 -6.25 -6.33
N3 GPN D 1 6.39 -6.99 -8.60
N3 GPN D 1 6.30 -7.33 -8.27
C4 GPN D 1 7.11 -6.76 -9.72
C4 GPN D 1 6.99 -7.05 -9.40
C8' CPN D 2 2.97 -6.76 -9.18
C8' CPN D 2 2.75 -6.72 -8.67
C7' CPN D 2 1.44 -6.81 -9.11
C7' CPN D 2 1.31 -6.68 -9.16
O7' CPN D 2 0.72 -5.91 -9.52
O7' CPN D 2 1.01 -5.75 -9.89
C5' CPN D 2 -0.65 -8.01 -8.78
C5' CPN D 2 -0.99 -7.33 -9.08
C CPN D 2 -1.54 -7.28 -7.76
C CPN D 2 -1.81 -6.99 -7.85
O CPN D 2 -2.76 -7.25 -7.97
O CPN D 2 -3.03 -6.81 -8.01
N4' CPN D 2 0.82 -7.90 -8.59
N4' CPN D 2 0.43 -7.59 -8.80
C3' CPN D 2 1.46 -9.00 -7.86
C3' CPN D 2 0.78 -8.84 -8.10
C2' CPN D 2 1.56 -10.26 -8.70
C2' CPN D 2 0.69 -10.08 -8.93
N CPN D 2 2.68 -10.20 -9.70
N CPN D 2 1.60 -10.11 -10.10
N1 CPN D 2 3.48 -5.41 -9.41
N1 CPN D 2 3.33 -5.44 -9.00
C2 CPN D 2 3.27 -4.40 -8.45
C2 CPN D 2 3.07 -4.41 -8.11
N3 CPN D 2 3.78 -3.18 -8.71
N3 CPN D 2 3.57 -3.20 -8.41
C4 CPN D 2 4.52 -2.99 -9.81
C4 CPN D 2 4.24 -2.98 -9.51
C5 CPN D 2 4.76 -4.00 -10.79
C5 CPN D 2 4.47 -4.04 -10.46
C6 CPN D 2 4.25 -5.20 -10.52
C6 CPN D 2 4.01 -5.26 -10.13
O2 CPN D 2 2.60 -4.64 -7.46
O2 CPN D 2 2.42 -4.56 -7.09
N4 CPN D 2 5.01 -1.75 -10.03
N4 CPN D 2 4.64 -1.69 -9.74
C8' TPN D 3 -0.54 -3.04 -6.99
C7' TPN D 3 -2.00 -3.25 -7.22
O7' TPN D 3 -2.60 -2.66 -8.13
C5' TPN D 3 -4.08 -4.30 -6.60
C TPN D 3 -4.86 -3.17 -5.93
O TPN D 3 -4.53 -2.74 -4.81
N4' TPN D 3 -2.65 -4.14 -6.43
C3' TPN D 3 -2.02 -4.84 -5.30
C2' TPN D 3 -1.86 -6.37 -5.49
N TPN D 3 -1.03 -6.77 -6.64
N TPN D 3 -1.17 -6.68 -6.73
N1 TPN D 3 0.06 -2.18 -8.04
C6 TPN D 3 0.35 -2.73 -9.28
C2 TPN D 3 0.19 -0.81 -7.87
O2 TPN D 3 -0.13 -0.28 -6.86
N3 TPN D 3 0.79 -0.18 -8.89
C4 TPN D 3 1.13 -0.71 -10.13
O4 TPN D 3 1.64 0.04 -10.97
C5 TPN D 3 0.86 -2.09 -10.30
C5M TPN D 3 1.24 -2.74 -11.62
C8' GPN D 4 -4.21 0.06 -7.78
C7' GPN D 4 -5.63 0.52 -8.15
O7' GPN D 4 -5.79 1.14 -9.21
C5' GPN D 4 -7.98 0.49 -7.79
C GPN D 4 -8.61 1.78 -7.28
O GPN D 4 -9.78 2.02 -7.62
N4' GPN D 4 -6.64 0.20 -7.32
C3' GPN D 4 -6.49 -0.38 -5.95
C2' GPN D 4 -6.91 -1.87 -5.90
N GPN D 4 -5.95 -2.76 -6.56
N9 GPN D 4 -3.22 0.62 -8.67
C8 GPN D 4 -2.70 0.04 -9.80
N7 GPN D 4 -1.90 0.83 -10.50
C5 GPN D 4 -1.93 2.00 -9.76
C6 GPN D 4 -1.30 3.26 -10.04
O6 GPN D 4 -0.57 3.54 -11.00
N1 GPN D 4 -1.61 4.22 -9.09
C2 GPN D 4 -2.45 4.04 -8.03
N2 GPN D 4 -2.68 5.06 -7.21
N3 GPN D 4 -3.01 2.84 -7.76
C4 GPN D 4 -2.73 1.92 -8.65
C8' CPN D 5 -5.91 4.93 -8.35
C7' CPN D 5 -7.26 5.60 -8.53
O7' CPN D 5 -7.59 6.13 -9.57
C5' CPN D 5 -9.41 6.17 -7.59
C CPN D 5 -9.58 7.54 -6.96
O CPN D 5 -10.73 8.03 -6.97
N4' CPN D 5 -8.07 5.60 -7.44
C3' CPN D 5 -7.70 5.06 -6.08
C2' CPN D 5 -8.39 3.73 -5.77
N CPN D 5 -7.85 2.60 -6.56
N1 CPN D 5 -5.09 5.04 -9.55
C2 CPN D 5 -4.55 6.27 -9.91
N3 CPN D 5 -3.83 6.38 -11.03
C4 CPN D 5 -3.61 5.34 -11.81
C5 CPN D 5 -4.11 4.04 -11.46
C6 CPN D 5 -4.85 3.94 -10.33
O2 CPN D 5 -4.75 7.24 -9.14
N4 CPN D 5 -2.92 5.49 -12.92
C8' TPN D 6 -6.86 10.02 -9.22
C7' TPN D 6 -8.23 10.61 -9.05
O7' TPN D 6 -8.91 10.86 -10.06
C5' TPN D 6 -10.07 11.45 -7.71
C TPN D 6 -9.98 12.95 -8.01
O TPN D 6 -8.98 13.58 -7.71
N4' TPN D 6 -8.73 10.83 -7.83
C3' TPN D 6 -7.98 10.57 -6.58
C2' TPN D 6 -8.61 9.45 -5.77
N TPN D 6 -8.52 8.17 -6.47
N1 TPN D 6 -6.44 9.99 -10.61
C6 TPN D 6 -6.53 8.83 -11.33
C2 TPN D 6 -5.96 11.13 -11.20
O2 TPN D 6 -5.89 12.21 -10.58
N3 TPN D 6 -5.49 11.00 -12.47
C4 TPN D 6 -5.53 9.85 -13.23
O4 TPN D 6 -5.08 9.85 -14.37
C5 TPN D 6 -6.11 8.69 -12.58
C5M TPN D 6 -6.16 7.41 -13.34
C8' GPN D 7 -9.04 13.65 -11.68
C7' GPN D 7 -10.45 14.18 -12.02
C7' GPN D 7 -10.23 14.47 -12.09
O7' GPN D 7 -10.97 13.91 -13.10
O7' GPN D 7 -10.76 14.32 -13.19
C5' GPN D 7 -12.55 15.31 -11.50
C5' GPN D 7 -11.90 16.06 -11.56
C GPN D 7 -12.71 16.64 -12.16
C GPN D 7 -11.75 17.41 -12.15
O GPN D 7 -13.80 17.03 -12.54
O GPN D 7 -12.72 18.06 -12.53
N4' GPN D 7 -11.15 14.95 -11.16
N4' GPN D 7 -10.66 15.37 -11.18
C3' GPN D 7 -10.59 15.45 -9.88
C3' GPN D 7 -10.12 15.63 -9.85
C2' GPN D 7 -11.26 14.92 -8.60
C2' GPN D 7 -10.99 15.00 -8.76
N GPN D 7 -11.14 13.47 -8.40
N GPN D 7 -10.97 13.52 -8.68
N9 GPN D 7 -8.59 12.86 -12.78
C8 GPN D 7 -8.83 11.50 -12.99
N7 GPN D 7 -8.39 11.08 -14.15
C5 GPN D 7 -7.87 12.20 -14.75
C6 GPN D 7 -7.28 12.34 -16.00
O6 GPN D 7 -7.04 11.55 -16.93
N1 GPN D 7 -6.86 13.67 -16.27
C2 GPN D 7 -7.07 14.70 -15.38
N2 GPN D 7 -6.65 15.93 -15.79
N3 GPN D 7 -7.62 14.57 -14.20
C4 GPN D 7 -8.00 13.27 -13.94
C8' CPN D 8 -10.34 16.57 -15.66
C8' CPN D 8 -9.81 17.03 -15.67
C7' CPN D 8 -11.72 17.12 -15.93
C7' CPN D 8 -11.01 17.90 -15.87
O7' CPN D 8 -12.44 16.62 -16.80
O7' CPN D 8 -11.88 17.55 -16.68
C5' CPN D 8 -13.55 18.56 -15.44
C5' CPN D 8 -12.35 19.73 -15.37
C CPN D 8 -13.74 19.23 -16.80
C CPN D 8 -12.30 20.73 -16.53
O CPN D 8 -14.90 19.35 -17.24
O CPN D 8 -13.40 21.34 -16.77
OXT CPN D 8 -12.81 19.69 -17.45
OXT CPN D 8 -11.23 20.95 -17.20
N4' CPN D 8 -12.15 18.15 -15.22
N4' CPN D 8 -11.11 19.01 -15.18
C3' CPN D 8 -11.31 18.92 -14.28
C3' CPN D 8 -10.09 19.50 -14.24
C2' CPN D 8 -11.63 18.76 -12.81
C2' CPN D 8 -10.21 19.27 -12.74
N CPN D 8 -11.60 17.36 -12.29
N CPN D 8 -10.50 17.87 -12.25
N1 CPN D 8 -10.07 15.52 -16.62
N1 CPN D 8 -9.75 15.97 -16.64
C2 CPN D 8 -9.48 15.88 -17.83
C2 CPN D 8 -9.17 16.21 -17.87
N3 CPN D 8 -9.28 14.88 -18.72
N3 CPN D 8 -9.07 15.20 -18.76
C4 CPN D 8 -9.64 13.61 -18.43
C4 CPN D 8 -9.53 13.99 -18.44
C5 CPN D 8 -10.25 13.28 -17.20
C5 CPN D 8 -10.19 13.77 -17.23
C6 CPN D 8 -10.48 14.25 -16.34
C6 CPN D 8 -10.26 14.75 -16.34
O2 CPN D 8 -9.17 17.09 -18.08
O2 CPN D 8 -8.76 17.35 -18.17
N4 CPN D 8 -9.36 12.69 -19.37
N4 CPN D 8 -9.42 13.01 -19.31
CL CL E . 1.29 -4.91 -3.19
CL CL F . -2.00 -19.86 18.58
CL CL G . 0.30 -11.30 0.05
NA NA H . 3.96 -15.70 8.87
NA NA I . -3.35 -0.61 8.24
CL CL J . 2.39 -1.75 12.89
CL CL K . 4.01 -5.31 2.71
NA NA L . -9.49 3.39 8.54
NA NA L . -10.00 2.00 8.00
CL CL M . -6.63 21.07 -19.39
CL CL N . -1.46 6.01 1.40
CL CL O . 4.28 7.46 -10.78
CL CL O . 4.28 7.65 -12.19
CL CL P . 0.61 16.70 -5.97
NA NA Q . 3.49 1.80 -10.07
NA NA R . -4.14 16.78 -10.66
CL CL S . -6.70 -2.78 -9.78
CL CL T . -13.65 11.45 -8.91
CL CL T . -13.02 12.00 -9.89
CL CL U . -4.19 6.41 -4.49
NA NA V . 8.83 -1.20 -10.95
#